data_7NID
#
_entry.id   7NID
#
_cell.length_a   63.530
_cell.length_b   63.530
_cell.length_c   223.960
_cell.angle_alpha   90.000
_cell.angle_beta   90.000
_cell.angle_gamma   120.000
#
_symmetry.space_group_name_H-M   'P 32 2 1'
#
loop_
_entity.id
_entity.type
_entity.pdbx_description
1 polymer 'N6-adenosine-methyltransferase catalytic subunit'
2 polymer 'N6-adenosine-methyltransferase non-catalytic subunit'
3 non-polymer (R)-1-(6-(benzylamino)pyrimidin-4-yl)-3-(((6-((4,4-dimethylpiperidin-1-yl)methyl)naphthalen-1-yl)amino)methyl)piperidin-3-ol
4 non-polymer 'ACETATE ION'
5 water water
#
loop_
_entity_poly.entity_id
_entity_poly.type
_entity_poly.pdbx_seq_one_letter_code
_entity_poly.pdbx_strand_id
1 'polypeptide(L)'
;MGHHHHHHSSGRENLYFQGALTQSVGGDSSADRLFPPQWICCDIRYLDVSILGKFAVVMADPPWDIHMELPYGTLTDDEM
RRLNIPVLQDDGFLFLWVTGRAMELGRECLNLWGYERVDEIIWVKTNQLQRIIRTGRTGHWLNHGKEHCLVGVKGNPQGF
NQGLDCDVIVAEVRSTSHKPDEIYGMIERLSPGTRKIELFGRPHNVQPNWITLGNQLDGIHLLDPDVVARFKQRYPDGII
SKPKNL
;
A
2 'polypeptide(L)'
;MLKGTQSLNPHNDYCQHFVDTGHRPQNFIRDVGLADRFEEYPKLRELIRLKDELIAKSNTPPMYLQADIEAFDIRELTPK
FDVILLEPPLEEYYRETGITANEKCWTWDDIMKLEIDEIAAPRSFIFLWCGSGEGLDLGRVCLRKWGYRRCEDICWIKTN
KNNPGKTKTLDPKAVFQRTKEHCLMGIKGTVKRSTDGDFIHANVDIDLIITEEPEIGNIEKPVEIFHIIEHFCLGRRRLH
LFGRDSTIRPGWLTVGPTLTNSNYNAETYASYFSAPNSYLTGCTEEIERL
;
B
#
# COMPACT_ATOMS: atom_id res chain seq x y z
N LEU A 34 -7.21 -5.13 33.42
CA LEU A 34 -7.54 -3.88 34.08
C LEU A 34 -7.53 -2.66 33.12
N PHE A 35 -8.71 -2.06 32.99
CA PHE A 35 -9.04 -1.22 31.84
C PHE A 35 -8.23 0.07 31.65
N PRO A 36 -7.74 0.77 32.67
CA PRO A 36 -7.07 2.07 32.41
C PRO A 36 -5.71 1.91 31.76
N PRO A 37 -5.15 2.99 31.20
CA PRO A 37 -3.87 2.88 30.47
C PRO A 37 -2.75 2.31 31.33
N GLN A 38 -1.91 1.47 30.71
CA GLN A 38 -0.72 0.92 31.35
C GLN A 38 0.48 1.03 30.40
N TRP A 39 1.68 1.14 30.96
CA TRP A 39 2.84 1.24 30.10
C TRP A 39 4.09 0.73 30.79
N ILE A 40 5.11 0.45 29.98
CA ILE A 40 6.42 0.00 30.44
C ILE A 40 7.47 0.77 29.66
N CYS A 41 8.28 1.57 30.34
CA CYS A 41 9.49 2.06 29.71
C CYS A 41 10.47 0.89 29.62
N CYS A 42 10.96 0.61 28.43
CA CYS A 42 11.84 -0.54 28.28
C CYS A 42 12.44 -0.52 26.89
N ASP A 43 13.45 -1.38 26.71
CA ASP A 43 14.00 -1.70 25.41
C ASP A 43 13.24 -2.92 24.89
N ILE A 44 12.35 -2.70 23.94
CA ILE A 44 11.52 -3.79 23.43
C ILE A 44 12.37 -4.97 22.96
N ARG A 45 13.62 -4.72 22.56
CA ARG A 45 14.51 -5.84 22.21
C ARG A 45 14.75 -6.80 23.37
N TYR A 46 14.80 -6.29 24.60
CA TYR A 46 15.25 -7.08 25.73
C TYR A 46 14.14 -7.41 26.71
N LEU A 47 13.00 -6.75 26.64
CA LEU A 47 11.89 -7.09 27.53
C LEU A 47 11.45 -8.52 27.28
N ASP A 48 11.17 -9.22 28.37
CA ASP A 48 10.61 -10.57 28.37
C ASP A 48 9.10 -10.40 28.23
N VAL A 49 8.62 -10.39 26.99
CA VAL A 49 7.22 -10.05 26.75
C VAL A 49 6.30 -11.21 27.09
N SER A 50 6.88 -12.36 27.44
CA SER A 50 6.04 -13.47 27.89
C SER A 50 5.27 -13.12 29.16
N ILE A 51 5.77 -12.17 29.96
CA ILE A 51 5.08 -11.81 31.18
C ILE A 51 3.77 -11.07 30.93
N LEU A 52 3.54 -10.59 29.71
CA LEU A 52 2.42 -9.71 29.42
C LEU A 52 1.14 -10.43 29.05
N GLY A 53 1.19 -11.74 28.80
CA GLY A 53 -0.03 -12.46 28.42
C GLY A 53 -0.39 -12.33 26.94
N LYS A 54 -1.66 -12.60 26.63
CA LYS A 54 -2.16 -12.67 25.25
C LYS A 54 -3.02 -11.46 24.93
N PHE A 55 -3.07 -11.09 23.65
CA PHE A 55 -3.71 -9.83 23.26
C PHE A 55 -4.55 -10.02 22.02
N ALA A 56 -5.76 -9.45 22.03
CA ALA A 56 -6.62 -9.56 20.86
C ALA A 56 -6.07 -8.76 19.68
N VAL A 57 -5.40 -7.64 19.95
CA VAL A 57 -4.84 -6.77 18.91
C VAL A 57 -3.45 -6.36 19.34
N VAL A 58 -2.48 -6.47 18.43
CA VAL A 58 -1.16 -5.90 18.58
C VAL A 58 -1.01 -4.79 17.55
N MET A 59 -0.48 -3.65 17.97
CA MET A 59 -0.11 -2.59 17.05
C MET A 59 1.36 -2.22 17.24
N ALA A 60 2.05 -1.96 16.14
CA ALA A 60 3.47 -1.60 16.16
C ALA A 60 3.72 -0.46 15.20
N ASP A 61 4.58 0.46 15.61
CA ASP A 61 4.98 1.60 14.79
C ASP A 61 6.50 1.67 14.90
N PRO A 62 7.21 0.77 14.22
CA PRO A 62 8.63 0.55 14.53
C PRO A 62 9.52 1.66 14.01
N PRO A 63 10.65 1.90 14.66
CA PRO A 63 11.72 2.76 14.12
C PRO A 63 12.56 2.01 13.10
N TRP A 64 11.96 1.80 11.92
CA TRP A 64 12.63 1.08 10.84
C TRP A 64 13.91 1.80 10.42
N ASP A 65 14.89 1.03 9.96
CA ASP A 65 16.13 1.56 9.39
C ASP A 65 15.94 1.84 7.91
N ILE A 66 15.49 3.05 7.60
CA ILE A 66 15.16 3.42 6.23
C ILE A 66 15.95 4.66 5.82
N LEU A 70 21.36 4.95 12.67
CA LEU A 70 20.27 5.75 12.13
C LEU A 70 19.55 6.54 13.25
N PRO A 71 18.73 7.57 12.88
CA PRO A 71 18.03 8.37 13.91
C PRO A 71 16.71 7.75 14.40
N TYR A 72 16.59 7.41 15.69
CA TYR A 72 17.63 7.57 16.73
C TYR A 72 17.70 6.32 17.61
N GLY A 73 16.55 5.67 17.79
CA GLY A 73 16.48 4.37 18.43
C GLY A 73 16.20 3.27 17.43
N THR A 74 16.77 3.41 16.23
CA THR A 74 16.52 2.47 15.14
C THR A 74 16.85 1.04 15.54
N LEU A 75 16.04 0.10 15.05
CA LEU A 75 16.34 -1.31 15.11
C LEU A 75 16.80 -1.77 13.73
N THR A 76 17.78 -2.67 13.70
CA THR A 76 18.19 -3.23 12.42
C THR A 76 17.16 -4.24 11.96
N ASP A 77 17.25 -4.59 10.68
CA ASP A 77 16.32 -5.55 10.11
C ASP A 77 16.29 -6.87 10.90
N ASP A 78 17.47 -7.33 11.33
CA ASP A 78 17.52 -8.57 12.11
C ASP A 78 16.86 -8.38 13.47
N GLU A 79 17.12 -7.24 14.11
CA GLU A 79 16.50 -6.95 15.38
C GLU A 79 14.98 -6.99 15.25
N MET A 80 14.45 -6.35 14.20
CA MET A 80 13.02 -6.40 13.92
C MET A 80 12.55 -7.84 13.73
N ARG A 81 13.26 -8.61 12.90
CA ARG A 81 12.86 -9.99 12.61
C ARG A 81 12.84 -10.83 13.87
N ARG A 82 13.74 -10.53 14.82
CA ARG A 82 13.90 -11.32 16.03
C ARG A 82 12.94 -10.94 17.15
N LEU A 83 12.22 -9.83 17.04
CA LEU A 83 11.27 -9.44 18.10
C LEU A 83 10.28 -10.56 18.39
N ASN A 84 10.10 -10.88 19.67
CA ASN A 84 9.22 -11.99 20.04
C ASN A 84 7.74 -11.65 19.95
N ILE A 85 7.28 -11.12 18.80
CA ILE A 85 5.85 -10.94 18.53
C ILE A 85 5.06 -12.25 18.64
N PRO A 86 5.59 -13.40 18.18
CA PRO A 86 4.77 -14.63 18.17
C PRO A 86 4.19 -15.03 19.51
N VAL A 87 4.81 -14.63 20.63
CA VAL A 87 4.27 -14.98 21.94
C VAL A 87 3.08 -14.12 22.34
N LEU A 88 2.91 -12.94 21.74
CA LEU A 88 1.90 -12.00 22.22
C LEU A 88 0.46 -12.36 21.88
N GLN A 89 0.20 -13.18 20.84
CA GLN A 89 -1.17 -13.48 20.43
C GLN A 89 -1.34 -14.95 20.09
N ASP A 90 -2.57 -15.44 20.25
CA ASP A 90 -2.97 -16.73 19.71
C ASP A 90 -4.01 -16.59 18.63
N ASP A 91 -5.00 -15.74 18.85
CA ASP A 91 -5.94 -15.40 17.79
C ASP A 91 -6.14 -13.89 17.83
N GLY A 92 -5.97 -13.23 16.69
CA GLY A 92 -6.24 -11.82 16.65
C GLY A 92 -5.47 -11.14 15.52
N PHE A 93 -5.26 -9.84 15.72
CA PHE A 93 -4.86 -8.95 14.65
C PHE A 93 -3.59 -8.20 15.04
N LEU A 94 -2.78 -7.93 14.02
CA LEU A 94 -1.58 -7.12 14.11
C LEU A 94 -1.78 -5.91 13.22
N PHE A 95 -1.43 -4.72 13.72
CA PHE A 95 -1.42 -3.48 12.95
C PHE A 95 0.01 -2.94 12.92
N LEU A 96 0.59 -2.85 11.71
CA LEU A 96 2.02 -2.60 11.50
C LEU A 96 2.21 -1.41 10.55
N TRP A 97 2.69 -0.30 11.10
CA TRP A 97 2.94 0.87 10.27
C TRP A 97 4.21 0.64 9.50
N VAL A 98 4.18 0.95 8.21
CA VAL A 98 5.29 0.74 7.30
C VAL A 98 5.44 1.97 6.42
N THR A 99 6.66 2.22 5.97
CA THR A 99 6.97 3.29 5.04
C THR A 99 8.21 2.87 4.27
N GLY A 100 8.42 3.48 3.12
CA GLY A 100 9.63 3.22 2.35
C GLY A 100 9.84 1.74 2.12
N ARG A 101 11.09 1.28 2.29
CA ARG A 101 11.35 -0.13 2.09
C ARG A 101 10.76 -1.02 3.18
N ALA A 102 10.34 -0.45 4.31
CA ALA A 102 9.65 -1.27 5.31
C ALA A 102 8.29 -1.75 4.83
N MET A 103 7.77 -1.19 3.73
CA MET A 103 6.60 -1.76 3.10
C MET A 103 6.86 -3.22 2.72
N GLU A 104 8.10 -3.53 2.32
CA GLU A 104 8.51 -4.89 2.03
C GLU A 104 9.02 -5.60 3.27
N LEU A 105 9.86 -4.92 4.06
CA LEU A 105 10.41 -5.56 5.25
C LEU A 105 9.32 -5.87 6.26
N GLY A 106 8.38 -4.93 6.47
CA GLY A 106 7.25 -5.22 7.38
C GLY A 106 6.41 -6.40 6.91
N ARG A 107 6.23 -6.54 5.60
CA ARG A 107 5.56 -7.73 5.07
C ARG A 107 6.35 -8.99 5.40
N GLU A 108 7.68 -8.87 5.43
CA GLU A 108 8.52 -10.00 5.78
C GLU A 108 8.37 -10.37 7.26
N CYS A 109 8.54 -9.38 8.14
CA CYS A 109 8.38 -9.65 9.57
C CYS A 109 7.01 -10.21 9.88
N LEU A 110 5.97 -9.59 9.35
CA LEU A 110 4.64 -10.05 9.71
CA LEU A 110 4.62 -10.04 9.66
C LEU A 110 4.43 -11.49 9.25
N ASN A 111 4.98 -11.88 8.10
CA ASN A 111 4.89 -13.27 7.66
C ASN A 111 5.74 -14.17 8.56
N LEU A 112 6.99 -13.77 8.81
CA LEU A 112 7.85 -14.54 9.71
C LEU A 112 7.21 -14.71 11.09
N TRP A 113 6.56 -13.66 11.62
CA TRP A 113 5.94 -13.73 12.94
C TRP A 113 4.69 -14.60 12.96
N GLY A 114 4.21 -15.07 11.81
CA GLY A 114 3.06 -15.95 11.75
C GLY A 114 1.74 -15.32 11.37
N TYR A 115 1.73 -14.24 10.62
CA TYR A 115 0.50 -13.57 10.24
C TYR A 115 0.32 -13.64 8.73
N GLU A 116 -0.94 -13.60 8.31
CA GLU A 116 -1.28 -13.31 6.93
C GLU A 116 -1.73 -11.85 6.85
N ARG A 117 -1.26 -11.12 5.85
CA ARG A 117 -1.74 -9.75 5.66
C ARG A 117 -3.09 -9.82 4.95
N VAL A 118 -4.14 -9.40 5.64
CA VAL A 118 -5.50 -9.45 5.12
C VAL A 118 -6.08 -8.08 4.83
N ASP A 119 -5.40 -7.00 5.20
CA ASP A 119 -5.88 -5.66 4.84
C ASP A 119 -4.71 -4.71 4.94
N GLU A 120 -4.92 -3.51 4.44
CA GLU A 120 -3.90 -2.47 4.51
C GLU A 120 -4.62 -1.14 4.63
N ILE A 121 -4.43 -0.47 5.75
CA ILE A 121 -5.06 0.81 6.00
C ILE A 121 -4.18 1.93 5.44
N ILE A 122 -4.83 2.95 4.90
CA ILE A 122 -4.18 4.12 4.33
C ILE A 122 -4.65 5.32 5.13
N TRP A 123 -3.72 6.11 5.66
CA TRP A 123 -4.10 7.36 6.31
C TRP A 123 -3.77 8.53 5.40
N VAL A 124 -4.80 9.17 4.86
CA VAL A 124 -4.60 10.37 4.05
C VAL A 124 -4.40 11.55 5.00
N LYS A 125 -3.22 12.16 4.92
CA LYS A 125 -2.83 13.24 5.80
C LYS A 125 -3.39 14.57 5.29
N THR A 126 -4.15 15.26 6.13
CA THR A 126 -4.72 16.58 5.79
C THR A 126 -4.29 17.62 6.81
N ASN A 127 -4.47 18.89 6.43
CA ASN A 127 -4.34 20.01 7.35
C ASN A 127 -5.71 20.31 7.99
N GLN A 128 -5.85 21.50 8.56
CA GLN A 128 -7.11 21.87 9.22
C GLN A 128 -8.20 22.23 8.22
N LEU A 129 -7.86 22.45 6.95
CA LEU A 129 -8.84 22.75 5.91
C LEU A 129 -9.18 21.54 5.04
N GLN A 130 -8.96 20.32 5.55
CA GLN A 130 -9.28 19.07 4.83
C GLN A 130 -8.66 19.01 3.44
N ARG A 131 -7.44 19.53 3.34
CA ARG A 131 -6.67 19.52 2.11
C ARG A 131 -5.45 18.61 2.29
N ILE A 132 -5.09 17.88 1.23
CA ILE A 132 -3.97 16.96 1.31
C ILE A 132 -2.68 17.75 1.44
N ILE A 133 -1.82 17.34 2.38
CA ILE A 133 -0.48 17.90 2.53
C ILE A 133 0.32 17.82 1.21
N HIS A 140 10.24 10.21 -3.41
CA HIS A 140 11.35 10.22 -4.35
C HIS A 140 10.92 10.54 -5.79
N TRP A 141 9.92 9.81 -6.31
CA TRP A 141 9.32 10.11 -7.62
C TRP A 141 8.01 10.87 -7.51
N LEU A 142 7.30 10.70 -6.40
CA LEU A 142 6.01 11.29 -6.12
C LEU A 142 6.02 11.86 -4.72
N ASN A 143 5.34 12.99 -4.53
CA ASN A 143 5.12 13.48 -3.19
C ASN A 143 4.17 12.53 -2.48
N HIS A 144 4.38 12.33 -1.19
CA HIS A 144 3.62 11.35 -0.44
C HIS A 144 2.51 12.02 0.33
N GLY A 145 1.29 11.53 0.14
CA GLY A 145 0.16 12.12 0.81
C GLY A 145 -0.50 11.17 1.79
N LYS A 146 0.19 10.08 2.15
CA LYS A 146 -0.42 9.02 2.93
C LYS A 146 0.63 8.22 3.67
N GLU A 147 0.22 7.61 4.76
CA GLU A 147 1.03 6.64 5.50
C GLU A 147 0.29 5.31 5.47
N HIS A 148 1.03 4.20 5.43
CA HIS A 148 0.44 2.88 5.31
C HIS A 148 0.53 2.11 6.62
N CYS A 149 -0.50 1.30 6.90
CA CYS A 149 -0.54 0.44 8.07
C CYS A 149 -1.04 -0.94 7.65
N LEU A 150 -0.13 -1.93 7.66
CA LEU A 150 -0.51 -3.31 7.34
C LEU A 150 -1.40 -3.88 8.42
N VAL A 151 -2.32 -4.76 8.02
CA VAL A 151 -3.23 -5.44 8.93
C VAL A 151 -3.03 -6.93 8.73
N GLY A 152 -2.62 -7.63 9.78
CA GLY A 152 -2.37 -9.06 9.70
C GLY A 152 -3.28 -9.84 10.64
N VAL A 153 -3.57 -11.07 10.23
CA VAL A 153 -4.37 -11.95 11.07
C VAL A 153 -3.54 -13.17 11.47
N LYS A 154 -3.73 -13.62 12.71
CA LYS A 154 -3.16 -14.84 13.26
C LYS A 154 -4.27 -15.66 13.90
N GLY A 155 -4.24 -16.97 13.69
CA GLY A 155 -5.22 -17.85 14.30
C GLY A 155 -6.59 -17.69 13.69
N ASN A 156 -7.62 -17.83 14.53
CA ASN A 156 -9.02 -17.86 14.09
C ASN A 156 -9.81 -16.85 14.90
N PRO A 157 -9.60 -15.56 14.65
CA PRO A 157 -10.20 -14.53 15.53
C PRO A 157 -11.71 -14.53 15.41
N GLN A 158 -12.40 -14.70 16.55
CA GLN A 158 -13.85 -14.78 16.56
C GLN A 158 -14.47 -13.70 17.43
N GLY A 159 -15.65 -13.24 17.00
CA GLY A 159 -16.38 -12.22 17.71
C GLY A 159 -15.96 -10.82 17.38
N PHE A 160 -15.11 -10.65 16.38
CA PHE A 160 -14.66 -9.34 15.99
C PHE A 160 -15.64 -8.79 14.98
N ASN A 161 -15.82 -7.48 15.02
CA ASN A 161 -16.76 -6.81 14.11
C ASN A 161 -16.04 -6.36 12.86
N GLN A 162 -15.69 -7.35 12.03
CA GLN A 162 -15.10 -7.04 10.74
C GLN A 162 -16.11 -6.28 9.87
N GLY A 163 -15.62 -5.31 9.12
CA GLY A 163 -16.43 -4.60 8.16
C GLY A 163 -17.13 -3.34 8.65
N LEU A 164 -16.89 -2.93 9.90
CA LEU A 164 -17.51 -1.72 10.41
C LEU A 164 -16.87 -0.48 9.80
N ASP A 165 -15.54 -0.40 9.85
CA ASP A 165 -14.83 0.72 9.27
C ASP A 165 -14.34 0.37 7.88
N CYS A 166 -13.93 1.39 7.16
CA CYS A 166 -13.30 1.18 5.88
C CYS A 166 -11.81 1.49 5.99
N ASP A 167 -11.06 1.11 4.96
CA ASP A 167 -9.60 1.05 5.05
C ASP A 167 -8.91 2.37 4.74
N VAL A 168 -9.64 3.48 4.78
CA VAL A 168 -9.03 4.80 4.53
C VAL A 168 -9.30 5.71 5.72
N ILE A 169 -8.25 6.36 6.22
CA ILE A 169 -8.36 7.34 7.29
C ILE A 169 -8.06 8.72 6.71
N VAL A 170 -8.93 9.67 7.01
CA VAL A 170 -8.70 11.09 6.70
C VAL A 170 -8.69 11.84 8.03
N ALA A 171 -7.55 12.43 8.36
CA ALA A 171 -7.37 13.01 9.69
C ALA A 171 -6.25 14.02 9.64
N GLU A 172 -6.36 15.04 10.49
CA GLU A 172 -5.39 16.13 10.51
C GLU A 172 -4.07 15.64 11.11
N VAL A 173 -2.96 15.99 10.46
CA VAL A 173 -1.64 15.68 11.01
C VAL A 173 -1.39 16.54 12.25
N ARG A 174 -0.70 15.95 13.23
CA ARG A 174 -0.34 16.64 14.48
C ARG A 174 1.19 16.70 14.58
N SER A 175 1.82 16.37 15.70
CA SER A 175 3.26 16.47 15.78
C SER A 175 3.92 15.51 14.79
N THR A 176 5.22 15.73 14.55
CA THR A 176 5.99 14.82 13.70
C THR A 176 5.93 13.40 14.25
N SER A 177 6.08 12.42 13.37
CA SER A 177 5.61 11.07 13.66
C SER A 177 4.19 11.17 14.17
N HIS A 178 3.83 10.42 15.19
CA HIS A 178 2.51 10.57 15.82
C HIS A 178 1.39 10.09 14.90
N LYS A 179 0.88 8.89 15.12
CA LYS A 179 -0.20 8.36 14.32
C LYS A 179 -1.54 9.01 14.71
N PRO A 180 -2.54 8.97 13.83
CA PRO A 180 -3.84 9.56 14.17
C PRO A 180 -4.60 8.72 15.18
N ASP A 181 -5.27 9.40 16.12
CA ASP A 181 -6.03 8.71 17.16
C ASP A 181 -7.22 7.94 16.61
N GLU A 182 -7.60 8.18 15.36
CA GLU A 182 -8.69 7.44 14.74
C GLU A 182 -8.41 5.93 14.70
N ILE A 183 -7.12 5.55 14.66
CA ILE A 183 -6.77 4.12 14.60
C ILE A 183 -7.27 3.38 15.84
N TYR A 184 -7.29 4.06 17.00
CA TYR A 184 -7.74 3.42 18.23
C TYR A 184 -9.25 3.20 18.23
N GLY A 185 -10.01 4.19 17.77
CA GLY A 185 -11.44 3.98 17.61
C GLY A 185 -11.76 2.86 16.65
N MET A 186 -11.04 2.80 15.52
CA MET A 186 -11.23 1.71 14.56
C MET A 186 -10.95 0.37 15.23
N ILE A 187 -9.87 0.30 15.99
CA ILE A 187 -9.50 -0.96 16.62
C ILE A 187 -10.47 -1.31 17.77
N GLU A 188 -10.95 -0.29 18.51
CA GLU A 188 -11.94 -0.54 19.54
C GLU A 188 -13.26 -1.05 18.96
N ARG A 189 -13.78 -0.39 17.92
CA ARG A 189 -15.03 -0.88 17.31
C ARG A 189 -14.84 -2.30 16.78
N LEU A 190 -13.66 -2.62 16.28
CA LEU A 190 -13.40 -3.92 15.70
C LEU A 190 -13.40 -5.01 16.77
N SER A 191 -12.74 -4.74 17.90
CA SER A 191 -12.56 -5.73 18.95
C SER A 191 -12.74 -5.01 20.29
N PRO A 192 -13.99 -4.74 20.67
CA PRO A 192 -14.22 -3.91 21.88
C PRO A 192 -14.03 -4.68 23.17
N GLY A 193 -13.50 -3.96 24.17
CA GLY A 193 -13.25 -4.51 25.50
C GLY A 193 -12.02 -5.39 25.66
N THR A 194 -11.46 -5.90 24.57
CA THR A 194 -10.36 -6.86 24.64
C THR A 194 -9.03 -6.19 25.00
N ARG A 195 -8.06 -7.02 25.40
CA ARG A 195 -6.71 -6.54 25.70
C ARG A 195 -5.94 -6.20 24.43
N LYS A 196 -5.15 -5.14 24.49
CA LYS A 196 -4.38 -4.68 23.34
C LYS A 196 -2.99 -4.23 23.77
N ILE A 197 -2.02 -4.45 22.90
CA ILE A 197 -0.65 -4.04 23.18
C ILE A 197 -0.10 -3.26 21.99
N GLU A 198 0.60 -2.16 22.30
CA GLU A 198 1.23 -1.28 21.33
C GLU A 198 2.72 -1.24 21.61
N LEU A 199 3.50 -1.38 20.55
CA LEU A 199 4.95 -1.41 20.62
C LEU A 199 5.54 -0.14 20.01
N PHE A 200 6.52 0.44 20.68
CA PHE A 200 7.16 1.69 20.27
C PHE A 200 6.21 2.87 20.34
N GLY A 201 5.22 2.84 21.23
CA GLY A 201 4.44 4.02 21.49
C GLY A 201 5.24 5.09 22.23
N ARG A 202 4.70 6.30 22.21
CA ARG A 202 5.17 7.41 23.01
C ARG A 202 4.12 7.73 24.06
N PRO A 203 4.44 8.59 25.04
CA PRO A 203 3.45 8.89 26.09
C PRO A 203 2.07 9.24 25.58
N HIS A 204 1.94 10.05 24.53
CA HIS A 204 0.60 10.41 24.06
C HIS A 204 -0.17 9.20 23.51
N ASN A 205 0.50 8.09 23.25
CA ASN A 205 -0.17 6.94 22.67
C ASN A 205 -0.95 6.11 23.70
N VAL A 206 -0.76 6.31 25.00
CA VAL A 206 -1.36 5.42 25.99
C VAL A 206 -2.88 5.59 26.00
N GLN A 207 -3.58 4.46 26.07
CA GLN A 207 -5.02 4.37 25.87
C GLN A 207 -5.60 3.38 26.87
N PRO A 208 -6.89 3.54 27.21
CA PRO A 208 -7.56 2.49 27.99
C PRO A 208 -7.65 1.19 27.19
N ASN A 209 -7.59 0.07 27.90
CA ASN A 209 -7.50 -1.30 27.36
C ASN A 209 -6.16 -1.60 26.69
N TRP A 210 -5.23 -0.64 26.59
CA TRP A 210 -3.95 -0.87 25.95
C TRP A 210 -2.82 -0.89 26.98
N ILE A 211 -1.81 -1.70 26.68
CA ILE A 211 -0.49 -1.66 27.31
C ILE A 211 0.50 -1.12 26.29
N THR A 212 1.27 -0.10 26.67
CA THR A 212 2.14 0.59 25.73
C THR A 212 3.60 0.36 26.10
N LEU A 213 4.41 -0.12 25.15
CA LEU A 213 5.84 -0.27 25.38
C LEU A 213 6.62 0.72 24.51
N GLY A 214 7.67 1.29 25.09
CA GLY A 214 8.56 2.21 24.41
C GLY A 214 9.60 2.72 25.37
N ASN A 215 10.75 3.23 24.89
CA ASN A 215 11.80 3.68 25.79
C ASN A 215 11.76 5.18 26.07
N GLN A 216 10.69 5.86 25.64
CA GLN A 216 10.45 7.25 26.00
C GLN A 216 9.18 7.38 26.82
N LEU A 217 8.65 6.28 27.34
CA LEU A 217 7.60 6.37 28.34
C LEU A 217 8.22 6.70 29.68
N ASP A 218 7.41 7.28 30.56
CA ASP A 218 7.88 7.65 31.88
C ASP A 218 7.65 6.45 32.79
N GLY A 219 8.71 5.66 32.98
CA GLY A 219 8.63 4.62 33.99
C GLY A 219 7.70 3.46 33.62
N ILE A 220 7.26 2.78 34.68
CA ILE A 220 6.45 1.57 34.57
C ILE A 220 5.15 1.82 35.33
N HIS A 221 4.01 1.46 34.71
CA HIS A 221 2.68 1.70 35.29
C HIS A 221 1.76 0.54 34.92
N LEU A 222 1.60 -0.41 35.84
CA LEU A 222 0.88 -1.65 35.57
C LEU A 222 -0.19 -1.86 36.63
N LEU A 223 -1.37 -2.29 36.19
CA LEU A 223 -2.54 -2.33 37.07
C LEU A 223 -3.22 -3.69 36.99
N ASP A 224 -3.21 -4.30 35.80
CA ASP A 224 -3.67 -5.67 35.61
C ASP A 224 -2.92 -6.58 36.60
N PRO A 225 -3.63 -7.29 37.49
CA PRO A 225 -2.94 -8.09 38.52
C PRO A 225 -2.10 -9.25 37.98
N ASP A 226 -2.63 -10.04 37.02
CA ASP A 226 -1.83 -11.13 36.45
C ASP A 226 -0.50 -10.63 35.92
N VAL A 227 -0.47 -9.40 35.37
CA VAL A 227 0.74 -8.86 34.79
C VAL A 227 1.69 -8.37 35.87
N VAL A 228 1.15 -7.66 36.87
CA VAL A 228 1.95 -7.18 37.99
C VAL A 228 2.65 -8.35 38.67
N ALA A 229 1.92 -9.45 38.88
CA ALA A 229 2.50 -10.66 39.43
C ALA A 229 3.69 -11.14 38.60
N ARG A 230 3.45 -11.45 37.31
CA ARG A 230 4.53 -11.97 36.47
C ARG A 230 5.69 -10.98 36.35
N PHE A 231 5.41 -9.68 36.37
CA PHE A 231 6.50 -8.71 36.30
C PHE A 231 7.37 -8.76 37.55
N LYS A 232 6.75 -8.80 38.73
CA LYS A 232 7.52 -8.85 39.97
C LYS A 232 8.38 -10.13 40.05
N GLN A 233 7.84 -11.27 39.59
CA GLN A 233 8.63 -12.50 39.57
C GLN A 233 9.78 -12.44 38.55
N ARG A 234 9.47 -12.01 37.32
CA ARG A 234 10.51 -11.93 36.29
C ARG A 234 11.54 -10.85 36.60
N TYR A 235 11.10 -9.75 37.21
CA TYR A 235 11.95 -8.59 37.49
C TYR A 235 11.79 -8.15 38.94
N PRO A 236 12.35 -8.92 39.89
CA PRO A 236 12.17 -8.58 41.31
C PRO A 236 12.81 -7.26 41.70
N ASP A 237 13.79 -6.78 40.95
CA ASP A 237 14.44 -5.51 41.22
C ASP A 237 13.98 -4.39 40.29
N GLY A 238 13.00 -4.65 39.42
CA GLY A 238 12.42 -3.64 38.55
C GLY A 238 13.32 -3.15 37.42
N ILE A 239 14.44 -3.81 37.17
CA ILE A 239 15.37 -3.41 36.11
C ILE A 239 15.23 -4.39 34.95
N ILE A 240 15.50 -3.90 33.74
CA ILE A 240 15.22 -4.67 32.54
C ILE A 240 16.46 -4.73 31.64
N SER A 241 17.42 -5.59 31.98
CA SER A 241 18.69 -5.67 31.27
C SER A 241 18.66 -6.80 30.23
N LYS A 242 19.59 -6.69 29.27
CA LYS A 242 19.69 -7.55 28.08
C LYS A 242 19.22 -9.00 28.29
N ASN B 12 -12.54 16.13 14.42
CA ASN B 12 -13.69 15.52 13.76
C ASN B 12 -13.35 14.13 13.22
N ASP B 13 -14.06 13.11 13.70
CA ASP B 13 -13.73 11.71 13.38
C ASP B 13 -14.53 11.25 12.15
N TYR B 14 -13.82 11.12 11.01
CA TYR B 14 -14.45 10.65 9.78
C TYR B 14 -14.61 9.14 9.74
N CYS B 15 -13.79 8.40 10.47
CA CYS B 15 -14.04 6.97 10.61
C CYS B 15 -15.34 6.74 11.38
N GLN B 16 -15.54 7.47 12.48
CA GLN B 16 -16.80 7.40 13.21
C GLN B 16 -17.96 7.89 12.34
N HIS B 17 -17.75 9.00 11.62
CA HIS B 17 -18.77 9.46 10.68
C HIS B 17 -19.14 8.37 9.69
N PHE B 18 -18.15 7.64 9.15
CA PHE B 18 -18.46 6.59 8.19
C PHE B 18 -19.27 5.47 8.84
N VAL B 19 -18.88 5.04 10.04
CA VAL B 19 -19.69 4.10 10.81
C VAL B 19 -21.11 4.63 10.97
N ASP B 20 -21.24 5.93 11.24
CA ASP B 20 -22.56 6.53 11.45
C ASP B 20 -23.37 6.56 10.15
N THR B 21 -22.83 7.22 9.12
CA THR B 21 -23.60 7.65 7.95
C THR B 21 -23.31 6.87 6.68
N GLY B 22 -22.23 6.09 6.62
CA GLY B 22 -21.85 5.40 5.39
C GLY B 22 -21.13 6.26 4.37
N HIS B 23 -20.84 7.52 4.69
CA HIS B 23 -19.99 8.37 3.86
C HIS B 23 -18.52 8.08 4.16
N ARG B 24 -17.84 7.52 3.17
CA ARG B 24 -16.43 7.18 3.32
C ARG B 24 -15.62 8.42 3.70
N PRO B 25 -14.63 8.30 4.57
CA PRO B 25 -13.85 9.48 4.97
C PRO B 25 -13.31 10.27 3.80
N GLN B 26 -13.00 9.60 2.68
CA GLN B 26 -12.42 10.32 1.55
C GLN B 26 -13.41 11.28 0.89
N ASN B 27 -14.70 11.18 1.20
CA ASN B 27 -15.68 12.11 0.66
C ASN B 27 -15.43 13.56 1.11
N PHE B 28 -14.68 13.77 2.18
CA PHE B 28 -14.53 15.10 2.76
C PHE B 28 -13.15 15.68 2.52
N ILE B 29 -12.43 15.15 1.55
CA ILE B 29 -11.18 15.75 1.08
C ILE B 29 -11.54 16.81 0.05
N ARG B 30 -11.04 18.02 0.25
CA ARG B 30 -11.35 19.14 -0.64
C ARG B 30 -10.30 19.28 -1.73
N ASP B 31 -10.70 19.92 -2.82
CA ASP B 31 -9.80 20.23 -3.94
C ASP B 31 -9.13 18.98 -4.52
N GLU B 46 2.81 26.33 -10.81
CA GLU B 46 2.18 27.52 -11.39
C GLU B 46 1.29 27.24 -12.61
N LEU B 47 1.55 26.13 -13.31
CA LEU B 47 0.71 25.80 -14.47
C LEU B 47 0.77 24.32 -14.81
N ILE B 48 1.98 23.74 -14.91
CA ILE B 48 2.20 22.33 -15.23
C ILE B 48 1.45 21.93 -16.50
N ARG B 49 1.33 22.86 -17.45
CA ARG B 49 0.61 22.60 -18.68
C ARG B 49 1.47 22.71 -19.92
N LEU B 50 2.61 23.40 -19.86
CA LEU B 50 3.56 23.31 -20.95
C LEU B 50 4.10 21.89 -21.05
N LYS B 51 4.45 21.30 -19.90
CA LYS B 51 4.83 19.88 -19.86
C LYS B 51 3.86 19.03 -20.66
N ASP B 52 2.56 19.17 -20.39
CA ASP B 52 1.55 18.39 -21.08
C ASP B 52 1.62 18.58 -22.60
N GLU B 53 1.77 19.83 -23.05
CA GLU B 53 1.80 20.10 -24.48
C GLU B 53 2.99 19.41 -25.14
N LEU B 54 4.12 19.36 -24.44
CA LEU B 54 5.30 18.66 -24.96
C LEU B 54 5.04 17.17 -25.06
N ILE B 55 4.46 16.59 -24.00
CA ILE B 55 4.09 15.19 -24.03
C ILE B 55 3.23 14.88 -25.24
N ALA B 56 2.26 15.76 -25.53
CA ALA B 56 1.33 15.51 -26.63
C ALA B 56 2.01 15.55 -27.99
N LYS B 57 2.94 16.50 -28.19
CA LYS B 57 3.61 16.61 -29.48
C LYS B 57 4.63 15.50 -29.66
N SER B 58 5.29 15.11 -28.55
CA SER B 58 6.25 14.01 -28.55
C SER B 58 5.59 12.65 -28.78
N ASN B 59 4.28 12.53 -28.58
CA ASN B 59 3.64 11.22 -28.50
C ASN B 59 3.66 10.52 -29.85
N THR B 60 4.04 9.24 -29.86
CA THR B 60 3.87 8.42 -31.05
C THR B 60 2.39 8.27 -31.35
N PRO B 61 2.04 7.95 -32.58
CA PRO B 61 0.66 7.55 -32.87
C PRO B 61 0.23 6.44 -31.92
N PRO B 62 -1.05 6.38 -31.57
CA PRO B 62 -1.52 5.22 -30.80
C PRO B 62 -1.35 3.95 -31.61
N MET B 63 -0.88 2.90 -30.95
CA MET B 63 -0.75 1.61 -31.61
C MET B 63 -1.34 0.55 -30.70
N TYR B 64 -1.84 -0.53 -31.29
CA TYR B 64 -2.73 -1.43 -30.55
C TYR B 64 -2.84 -2.73 -31.29
N LEU B 65 -2.96 -3.81 -30.54
CA LEU B 65 -2.92 -5.17 -31.07
C LEU B 65 -3.84 -6.03 -30.21
N GLN B 66 -4.85 -6.62 -30.84
CA GLN B 66 -5.60 -7.70 -30.20
C GLN B 66 -4.71 -8.91 -30.08
N ALA B 67 -4.69 -9.52 -28.89
CA ALA B 67 -3.83 -10.67 -28.63
C ALA B 67 -4.31 -11.36 -27.38
N ASP B 68 -4.50 -12.67 -27.44
CA ASP B 68 -4.81 -13.43 -26.23
C ASP B 68 -3.49 -13.71 -25.53
N ILE B 69 -3.22 -12.90 -24.49
CA ILE B 69 -1.96 -12.89 -23.78
C ILE B 69 -1.65 -14.25 -23.13
N GLU B 70 -2.68 -15.05 -22.85
CA GLU B 70 -2.44 -16.40 -22.35
C GLU B 70 -1.59 -17.21 -23.33
N ALA B 71 -1.94 -17.15 -24.63
CA ALA B 71 -1.38 -18.00 -25.68
C ALA B 71 -0.32 -17.28 -26.52
N PHE B 72 0.00 -16.05 -26.18
CA PHE B 72 0.75 -15.16 -27.06
C PHE B 72 2.19 -15.09 -26.57
N ASP B 73 3.14 -15.21 -27.50
CA ASP B 73 4.55 -15.10 -27.13
C ASP B 73 4.90 -13.63 -26.97
N ILE B 74 5.10 -13.22 -25.72
CA ILE B 74 5.31 -11.82 -25.38
C ILE B 74 6.51 -11.25 -26.11
N ARG B 75 7.47 -12.11 -26.48
CA ARG B 75 8.70 -11.62 -27.11
C ARG B 75 8.44 -10.98 -28.47
N GLU B 76 7.36 -11.34 -29.16
CA GLU B 76 7.00 -10.69 -30.42
C GLU B 76 6.78 -9.19 -30.27
N LEU B 77 6.71 -8.68 -29.05
CA LEU B 77 6.46 -7.26 -28.80
C LEU B 77 7.80 -6.57 -28.67
N THR B 78 8.18 -5.83 -29.70
CA THR B 78 9.46 -5.14 -29.76
C THR B 78 9.23 -3.70 -30.19
N PRO B 79 10.17 -2.78 -29.89
CA PRO B 79 11.41 -3.05 -29.12
C PRO B 79 11.17 -3.07 -27.60
N LYS B 80 12.24 -3.18 -26.81
CA LYS B 80 12.12 -3.22 -25.36
C LYS B 80 11.49 -1.93 -24.88
N PHE B 81 10.71 -2.03 -23.80
CA PHE B 81 9.85 -0.93 -23.37
C PHE B 81 10.48 -0.12 -22.26
N ASP B 82 10.24 1.20 -22.28
CA ASP B 82 10.66 2.08 -21.19
C ASP B 82 9.64 2.06 -20.04
N VAL B 83 8.35 1.96 -20.35
CA VAL B 83 7.27 1.93 -19.36
C VAL B 83 6.35 0.78 -19.70
N ILE B 84 5.96 -0.01 -18.70
CA ILE B 84 4.95 -1.05 -18.86
C ILE B 84 3.84 -0.81 -17.84
N LEU B 85 2.62 -0.68 -18.33
CA LEU B 85 1.42 -0.56 -17.51
C LEU B 85 0.64 -1.86 -17.64
N LEU B 86 0.45 -2.54 -16.52
CA LEU B 86 -0.04 -3.90 -16.53
C LEU B 86 -1.30 -3.96 -15.68
N GLU B 87 -2.40 -4.33 -16.33
CA GLU B 87 -3.74 -4.16 -15.76
C GLU B 87 -4.54 -5.45 -15.92
N PRO B 88 -4.07 -6.54 -15.32
CA PRO B 88 -4.72 -7.85 -15.55
C PRO B 88 -6.10 -7.89 -14.91
N PRO B 89 -7.09 -8.49 -15.59
CA PRO B 89 -8.45 -8.53 -15.04
C PRO B 89 -8.62 -9.49 -13.88
N LEU B 90 -8.44 -8.97 -12.66
CA LEU B 90 -8.57 -9.75 -11.44
C LEU B 90 -10.00 -10.16 -11.19
N GLU B 91 -10.18 -11.37 -10.63
CA GLU B 91 -11.52 -11.84 -10.28
C GLU B 91 -12.23 -10.87 -9.35
N GLU B 92 -11.50 -10.27 -8.41
CA GLU B 92 -12.11 -9.33 -7.46
C GLU B 92 -12.80 -8.17 -8.16
N TYR B 93 -12.37 -7.80 -9.37
CA TYR B 93 -13.04 -6.71 -10.10
C TYR B 93 -14.48 -7.05 -10.47
N TYR B 94 -14.88 -8.32 -10.36
CA TYR B 94 -16.21 -8.79 -10.72
C TYR B 94 -16.90 -9.31 -9.45
N ARG B 95 -17.93 -8.59 -9.00
CA ARG B 95 -18.60 -8.91 -7.74
C ARG B 95 -20.00 -8.28 -7.68
N LYS B 104 -12.71 -13.92 -19.51
CA LYS B 104 -11.83 -14.70 -18.64
C LYS B 104 -11.09 -13.87 -17.57
N CYS B 105 -11.16 -14.30 -16.31
CA CYS B 105 -10.43 -13.64 -15.23
C CYS B 105 -9.00 -14.19 -15.17
N TRP B 106 -8.09 -13.35 -14.69
CA TRP B 106 -6.70 -13.73 -14.49
C TRP B 106 -6.41 -13.88 -13.00
N THR B 107 -5.71 -14.93 -12.64
CA THR B 107 -5.26 -15.12 -11.27
C THR B 107 -3.85 -14.57 -11.13
N TRP B 108 -3.42 -14.42 -9.87
CA TRP B 108 -2.03 -14.05 -9.67
C TRP B 108 -1.09 -15.16 -10.12
N ASP B 109 -1.58 -16.41 -10.13
CA ASP B 109 -0.85 -17.53 -10.73
C ASP B 109 -0.56 -17.27 -12.21
N ASP B 110 -1.57 -16.88 -12.98
CA ASP B 110 -1.36 -16.54 -14.38
C ASP B 110 -0.47 -15.32 -14.55
N ILE B 111 -0.68 -14.28 -13.73
CA ILE B 111 0.08 -13.04 -13.94
C ILE B 111 1.56 -13.28 -13.68
N MET B 112 1.88 -14.01 -12.60
CA MET B 112 3.29 -14.29 -12.29
C MET B 112 4.02 -15.01 -13.42
N LYS B 113 3.31 -15.77 -14.25
CA LYS B 113 4.00 -16.53 -15.29
C LYS B 113 4.27 -15.70 -16.53
N LEU B 114 3.79 -14.46 -16.59
CA LEU B 114 4.10 -13.57 -17.70
C LEU B 114 5.57 -13.24 -17.71
N GLU B 115 6.16 -13.19 -18.90
CA GLU B 115 7.60 -13.05 -19.02
C GLU B 115 7.99 -11.58 -19.20
N ILE B 116 7.51 -10.74 -18.29
CA ILE B 116 7.65 -9.29 -18.43
C ILE B 116 9.10 -8.86 -18.58
N ASP B 117 10.03 -9.58 -17.93
CA ASP B 117 11.45 -9.22 -18.03
C ASP B 117 11.96 -9.35 -19.46
N GLU B 118 11.32 -10.16 -20.29
CA GLU B 118 11.82 -10.42 -21.62
C GLU B 118 11.58 -9.25 -22.56
N ILE B 119 10.67 -8.34 -22.21
CA ILE B 119 10.35 -7.20 -23.08
C ILE B 119 10.60 -5.87 -22.41
N ALA B 120 11.18 -5.83 -21.21
CA ALA B 120 11.46 -4.58 -20.52
C ALA B 120 12.88 -4.14 -20.82
N ALA B 121 13.06 -2.84 -21.06
CA ALA B 121 14.38 -2.31 -21.30
C ALA B 121 15.20 -2.40 -20.01
N PRO B 122 16.54 -2.45 -20.15
CA PRO B 122 17.38 -2.62 -18.94
C PRO B 122 17.15 -1.56 -17.90
N ARG B 123 16.88 -0.33 -18.32
CA ARG B 123 16.40 0.71 -17.44
C ARG B 123 14.97 0.98 -17.87
N SER B 124 14.00 0.58 -17.05
CA SER B 124 12.59 0.77 -17.38
C SER B 124 11.76 0.74 -16.10
N PHE B 125 10.46 1.04 -16.26
CA PHE B 125 9.51 1.21 -15.16
C PHE B 125 8.27 0.35 -15.38
N ILE B 126 7.63 -0.06 -14.29
CA ILE B 126 6.38 -0.80 -14.40
C ILE B 126 5.36 -0.17 -13.47
N PHE B 127 4.10 -0.23 -13.89
CA PHE B 127 2.96 0.19 -13.09
C PHE B 127 1.96 -0.95 -13.13
N LEU B 128 1.80 -1.62 -11.99
CA LEU B 128 0.98 -2.82 -11.85
C LEU B 128 -0.23 -2.50 -10.98
N TRP B 129 -1.42 -2.56 -11.58
CA TRP B 129 -2.67 -2.47 -10.84
C TRP B 129 -2.85 -3.76 -10.06
N CYS B 130 -2.88 -3.66 -8.72
CA CYS B 130 -2.88 -4.83 -7.86
C CYS B 130 -4.20 -5.04 -7.13
N GLY B 131 -5.19 -4.19 -7.34
CA GLY B 131 -6.43 -4.35 -6.61
C GLY B 131 -6.27 -3.97 -5.14
N SER B 132 -6.88 -4.75 -4.27
CA SER B 132 -6.96 -4.42 -2.86
C SER B 132 -6.84 -5.64 -1.95
N GLY B 133 -6.70 -6.84 -2.51
CA GLY B 133 -6.59 -8.02 -1.69
C GLY B 133 -5.18 -8.57 -1.69
N GLU B 134 -5.06 -9.86 -1.98
CA GLU B 134 -3.76 -10.53 -1.99
C GLU B 134 -2.83 -9.97 -3.06
N GLY B 135 -3.36 -9.29 -4.08
CA GLY B 135 -2.52 -8.67 -5.09
C GLY B 135 -1.49 -7.72 -4.53
N LEU B 136 -1.76 -7.13 -3.37
CA LEU B 136 -0.82 -6.21 -2.72
C LEU B 136 0.47 -6.91 -2.35
N ASP B 137 0.42 -8.22 -2.13
CA ASP B 137 1.56 -9.06 -1.82
C ASP B 137 2.06 -9.81 -3.05
N LEU B 138 1.15 -10.45 -3.78
CA LEU B 138 1.54 -11.16 -4.98
C LEU B 138 2.06 -10.21 -6.06
N GLY B 139 1.58 -8.96 -6.11
CA GLY B 139 2.14 -7.99 -7.04
C GLY B 139 3.58 -7.63 -6.70
N ARG B 140 3.90 -7.57 -5.41
CA ARG B 140 5.29 -7.32 -5.03
C ARG B 140 6.18 -8.49 -5.43
N VAL B 141 5.66 -9.71 -5.33
CA VAL B 141 6.39 -10.89 -5.78
C VAL B 141 6.63 -10.81 -7.28
N CYS B 142 5.58 -10.47 -8.06
CA CYS B 142 5.75 -10.29 -9.49
C CYS B 142 6.86 -9.29 -9.79
N LEU B 143 6.81 -8.12 -9.15
CA LEU B 143 7.77 -7.08 -9.44
C LEU B 143 9.20 -7.58 -9.25
N ARG B 144 9.43 -8.29 -8.14
CA ARG B 144 10.75 -8.84 -7.85
C ARG B 144 11.11 -9.95 -8.84
N LYS B 145 10.13 -10.76 -9.23
CA LYS B 145 10.37 -11.81 -10.20
C LYS B 145 10.90 -11.24 -11.52
N TRP B 146 10.40 -10.07 -11.93
CA TRP B 146 10.79 -9.45 -13.19
C TRP B 146 11.95 -8.48 -13.05
N GLY B 147 12.51 -8.35 -11.85
CA GLY B 147 13.71 -7.55 -11.70
C GLY B 147 13.53 -6.11 -11.27
N TYR B 148 12.35 -5.72 -10.79
CA TYR B 148 12.14 -4.37 -10.32
C TYR B 148 12.17 -4.32 -8.81
N ARG B 149 12.43 -3.14 -8.27
CA ARG B 149 12.11 -2.85 -6.89
C ARG B 149 11.03 -1.77 -6.87
N ARG B 150 10.15 -1.86 -5.88
CA ARG B 150 9.04 -0.91 -5.77
C ARG B 150 9.56 0.43 -5.26
N CYS B 151 9.34 1.49 -6.03
CA CYS B 151 9.70 2.81 -5.55
C CYS B 151 8.52 3.68 -5.13
N GLU B 152 7.29 3.34 -5.56
CA GLU B 152 6.11 4.12 -5.19
C GLU B 152 4.90 3.19 -5.07
N ASP B 153 4.02 3.52 -4.14
CA ASP B 153 2.76 2.82 -3.95
C ASP B 153 1.67 3.87 -4.16
N ILE B 154 0.97 3.78 -5.29
CA ILE B 154 -0.02 4.77 -5.72
C ILE B 154 -1.42 4.26 -5.40
N CYS B 155 -2.18 5.01 -4.61
CA CYS B 155 -3.49 4.58 -4.14
CA CYS B 155 -3.49 4.58 -4.13
C CYS B 155 -4.59 5.32 -4.87
N TRP B 156 -5.48 4.57 -5.54
CA TRP B 156 -6.73 5.08 -6.09
C TRP B 156 -7.80 4.94 -5.01
N ILE B 157 -8.13 6.06 -4.39
CA ILE B 157 -9.11 6.14 -3.32
C ILE B 157 -10.47 6.44 -3.92
N LYS B 158 -11.45 5.60 -3.62
CA LYS B 158 -12.77 5.73 -4.21
C LYS B 158 -13.74 6.37 -3.21
N THR B 159 -14.22 7.58 -3.54
CA THR B 159 -15.32 8.20 -2.82
C THR B 159 -16.65 7.53 -3.18
N ASN B 160 -17.65 7.70 -2.30
CA ASN B 160 -19.00 7.19 -2.51
C ASN B 160 -20.05 8.28 -2.21
N LYS B 161 -19.79 9.51 -2.66
CA LYS B 161 -20.70 10.61 -2.43
C LYS B 161 -22.11 10.34 -2.97
N ASN B 162 -22.22 9.45 -3.97
CA ASN B 162 -23.48 9.19 -4.66
C ASN B 162 -24.13 7.88 -4.26
N ASN B 163 -23.51 7.09 -3.40
CA ASN B 163 -24.22 5.93 -2.89
C ASN B 163 -23.74 5.56 -1.49
N PRO B 164 -23.89 6.46 -0.48
CA PRO B 164 -23.64 6.13 0.94
C PRO B 164 -24.25 4.82 1.39
N LEU B 170 -18.21 -8.00 0.54
CA LEU B 170 -17.17 -8.13 1.56
C LEU B 170 -16.37 -9.43 1.40
N ASP B 171 -15.06 -9.29 1.17
CA ASP B 171 -14.16 -10.45 1.11
C ASP B 171 -14.09 -11.14 2.47
N PRO B 172 -14.12 -12.49 2.52
CA PRO B 172 -14.14 -13.20 3.83
C PRO B 172 -12.97 -12.86 4.74
N LYS B 173 -11.74 -12.86 4.21
CA LYS B 173 -10.56 -12.48 4.98
C LYS B 173 -10.53 -11.00 5.34
N ALA B 174 -11.35 -10.17 4.70
CA ALA B 174 -11.30 -8.74 4.96
C ALA B 174 -11.64 -8.43 6.41
N VAL B 175 -10.92 -7.45 6.96
CA VAL B 175 -11.17 -6.93 8.29
C VAL B 175 -11.98 -5.65 8.15
N PHE B 176 -11.68 -4.87 7.12
CA PHE B 176 -12.34 -3.61 6.88
C PHE B 176 -12.98 -3.59 5.50
N GLN B 177 -13.89 -2.64 5.32
CA GLN B 177 -14.47 -2.39 4.02
C GLN B 177 -13.40 -1.80 3.12
N ARG B 178 -13.23 -2.38 1.94
CA ARG B 178 -12.16 -1.99 1.04
C ARG B 178 -12.66 -0.92 0.09
N THR B 179 -12.03 0.26 0.13
CA THR B 179 -12.52 1.40 -0.61
C THR B 179 -11.43 1.99 -1.51
N LYS B 180 -10.44 1.20 -1.88
CA LYS B 180 -9.28 1.72 -2.61
C LYS B 180 -8.63 0.58 -3.39
N GLU B 181 -7.81 0.97 -4.37
CA GLU B 181 -7.00 0.05 -5.16
C GLU B 181 -5.59 0.61 -5.23
N HIS B 182 -4.62 -0.29 -5.36
CA HIS B 182 -3.20 0.10 -5.39
C HIS B 182 -2.62 -0.14 -6.77
N CYS B 183 -1.84 0.81 -7.26
CA CYS B 183 -1.02 0.62 -8.47
C CYS B 183 0.45 0.73 -8.06
N LEU B 184 1.20 -0.37 -8.18
CA LEU B 184 2.58 -0.35 -7.71
C LEU B 184 3.53 0.09 -8.82
N MET B 185 4.48 0.94 -8.45
CA MET B 185 5.48 1.47 -9.38
C MET B 185 6.81 0.78 -9.12
N GLY B 186 7.38 0.19 -10.16
CA GLY B 186 8.66 -0.49 -10.06
C GLY B 186 9.69 0.15 -10.97
N ILE B 187 10.94 0.14 -10.52
CA ILE B 187 12.07 0.59 -11.33
C ILE B 187 13.05 -0.58 -11.46
N LYS B 188 13.74 -0.62 -12.60
CA LYS B 188 14.84 -1.56 -12.79
C LYS B 188 15.91 -0.84 -13.58
N GLY B 189 17.15 -1.21 -13.31
CA GLY B 189 18.27 -0.51 -13.90
C GLY B 189 18.73 0.63 -13.03
N THR B 190 19.69 1.39 -13.56
CA THR B 190 20.26 2.52 -12.83
C THR B 190 19.51 3.79 -13.21
N VAL B 191 18.75 4.34 -12.26
CA VAL B 191 17.96 5.57 -12.43
C VAL B 191 16.88 5.41 -13.51
N VAL B 204 6.23 16.44 -9.04
CA VAL B 204 5.11 17.37 -8.95
C VAL B 204 3.74 16.69 -8.66
N ASP B 205 3.66 15.36 -8.82
CA ASP B 205 2.42 14.62 -8.59
C ASP B 205 2.46 13.91 -7.22
N ILE B 206 1.27 13.67 -6.66
CA ILE B 206 1.10 12.98 -5.38
C ILE B 206 0.86 11.50 -5.70
N ASP B 207 0.90 10.64 -4.68
CA ASP B 207 0.68 9.21 -4.87
C ASP B 207 -0.75 8.79 -4.53
N LEU B 208 -1.71 9.69 -4.74
CA LEU B 208 -3.12 9.42 -4.53
C LEU B 208 -3.90 9.83 -5.77
N ILE B 209 -4.87 9.02 -6.17
CA ILE B 209 -5.91 9.40 -7.12
C ILE B 209 -7.24 9.25 -6.40
N ILE B 210 -8.01 10.32 -6.35
CA ILE B 210 -9.31 10.31 -5.70
C ILE B 210 -10.36 10.53 -6.77
N THR B 211 -11.22 9.53 -6.96
CA THR B 211 -12.37 9.65 -7.85
C THR B 211 -13.52 8.91 -7.19
N GLU B 212 -14.71 9.05 -7.78
CA GLU B 212 -15.88 8.36 -7.26
C GLU B 212 -15.85 6.91 -7.72
N GLU B 213 -16.32 6.03 -6.86
CA GLU B 213 -16.28 4.61 -7.19
C GLU B 213 -17.15 4.34 -8.41
N PRO B 214 -16.64 3.67 -9.43
CA PRO B 214 -17.43 3.42 -10.64
C PRO B 214 -18.60 2.47 -10.38
N GLU B 215 -19.55 2.51 -11.32
CA GLU B 215 -20.68 1.58 -11.32
C GLU B 215 -20.20 0.14 -11.28
N ILE B 216 -21.01 -0.75 -10.69
CA ILE B 216 -20.60 -2.16 -10.61
C ILE B 216 -20.41 -2.71 -12.01
N GLY B 217 -19.51 -3.69 -12.13
CA GLY B 217 -19.11 -4.20 -13.43
C GLY B 217 -18.37 -3.22 -14.30
N ASN B 218 -18.10 -2.01 -13.82
CA ASN B 218 -17.15 -1.11 -14.49
C ASN B 218 -15.77 -1.41 -13.93
N ILE B 219 -14.89 -1.93 -14.79
CA ILE B 219 -13.55 -2.28 -14.36
C ILE B 219 -12.53 -1.20 -14.74
N GLU B 220 -12.98 -0.05 -15.25
CA GLU B 220 -12.03 0.94 -15.77
C GLU B 220 -11.21 1.54 -14.62
N LYS B 221 -9.91 1.74 -14.87
CA LYS B 221 -9.14 2.46 -13.87
C LYS B 221 -9.08 3.95 -14.24
N PRO B 222 -8.90 4.84 -13.27
CA PRO B 222 -8.86 6.28 -13.59
C PRO B 222 -7.76 6.60 -14.60
N VAL B 223 -8.15 7.32 -15.65
CA VAL B 223 -7.21 7.88 -16.62
C VAL B 223 -6.14 8.73 -15.96
N GLU B 224 -6.35 9.17 -14.71
CA GLU B 224 -5.37 9.97 -13.99
C GLU B 224 -4.02 9.26 -13.88
N ILE B 225 -4.03 7.93 -13.84
CA ILE B 225 -2.79 7.18 -13.78
C ILE B 225 -1.90 7.49 -14.98
N PHE B 226 -2.49 7.63 -16.18
CA PHE B 226 -1.69 7.94 -17.35
C PHE B 226 -1.01 9.29 -17.19
N HIS B 227 -1.68 10.26 -16.57
CA HIS B 227 -1.06 11.56 -16.38
C HIS B 227 0.15 11.45 -15.46
N ILE B 228 -0.01 10.76 -14.34
CA ILE B 228 1.11 10.55 -13.43
C ILE B 228 2.28 9.90 -14.18
N ILE B 229 2.01 8.82 -14.91
CA ILE B 229 3.08 8.14 -15.63
C ILE B 229 3.72 9.08 -16.63
N GLU B 230 2.91 9.78 -17.42
CA GLU B 230 3.50 10.59 -18.48
C GLU B 230 4.29 11.78 -17.93
N HIS B 231 3.90 12.33 -16.76
CA HIS B 231 4.67 13.43 -16.20
C HIS B 231 6.04 13.00 -15.68
N PHE B 232 6.27 11.69 -15.48
CA PHE B 232 7.59 11.21 -15.08
C PHE B 232 8.65 11.40 -16.17
N CYS B 233 8.25 11.42 -17.44
CA CYS B 233 9.18 11.60 -18.57
C CYS B 233 10.18 10.45 -18.66
N LEU B 234 9.68 9.22 -18.54
CA LEU B 234 10.52 8.04 -18.46
C LEU B 234 11.01 7.53 -19.81
N GLY B 235 10.55 8.10 -20.91
CA GLY B 235 10.83 7.57 -22.23
C GLY B 235 9.56 7.32 -23.01
N ARG B 236 9.73 6.90 -24.26
CA ARG B 236 8.64 6.98 -25.20
C ARG B 236 8.07 5.63 -25.62
N ARG B 237 8.74 4.51 -25.32
CA ARG B 237 8.17 3.19 -25.61
C ARG B 237 7.33 2.77 -24.42
N ARG B 238 6.02 3.01 -24.52
CA ARG B 238 5.08 2.74 -23.44
C ARG B 238 4.13 1.64 -23.86
N LEU B 239 3.99 0.63 -23.00
CA LEU B 239 3.15 -0.53 -23.29
C LEU B 239 2.09 -0.67 -22.19
N HIS B 240 0.85 -0.95 -22.60
CA HIS B 240 -0.27 -1.13 -21.69
C HIS B 240 -0.81 -2.54 -21.93
N LEU B 241 -0.46 -3.45 -21.03
CA LEU B 241 -0.91 -4.82 -21.17
C LEU B 241 -2.29 -4.94 -20.57
N PHE B 242 -3.20 -5.56 -21.34
CA PHE B 242 -4.59 -5.76 -20.97
C PHE B 242 -5.38 -4.45 -21.03
N GLY B 243 -4.96 -3.52 -21.89
CA GLY B 243 -5.80 -2.40 -22.24
C GLY B 243 -7.00 -2.84 -23.07
N ARG B 244 -7.87 -1.88 -23.35
CA ARG B 244 -9.10 -2.13 -24.10
C ARG B 244 -9.24 -1.05 -25.19
N ASP B 245 -10.25 -1.21 -26.05
CA ASP B 245 -10.54 -0.15 -27.02
C ASP B 245 -10.66 1.19 -26.31
N SER B 246 -11.28 1.19 -25.12
CA SER B 246 -11.55 2.41 -24.38
C SER B 246 -10.31 3.04 -23.75
N THR B 247 -9.18 2.32 -23.66
CA THR B 247 -7.99 2.91 -23.07
C THR B 247 -6.98 3.37 -24.11
N ILE B 248 -7.23 3.09 -25.39
CA ILE B 248 -6.24 3.42 -26.41
C ILE B 248 -5.96 4.91 -26.38
N ARG B 249 -4.69 5.28 -26.56
CA ARG B 249 -4.22 6.57 -26.13
C ARG B 249 -2.97 6.88 -26.94
N PRO B 250 -2.76 8.12 -27.37
CA PRO B 250 -1.52 8.44 -28.09
C PRO B 250 -0.32 8.29 -27.17
N GLY B 251 0.80 7.91 -27.76
CA GLY B 251 1.98 7.68 -26.95
C GLY B 251 2.07 6.30 -26.34
N TRP B 252 1.15 5.39 -26.70
CA TRP B 252 1.03 4.11 -26.04
C TRP B 252 0.78 3.02 -27.05
N LEU B 253 1.39 1.85 -26.78
CA LEU B 253 1.03 0.59 -27.42
C LEU B 253 0.13 -0.21 -26.48
N THR B 254 -1.04 -0.58 -26.95
CA THR B 254 -2.05 -1.25 -26.15
C THR B 254 -2.23 -2.66 -26.66
N VAL B 255 -2.18 -3.66 -25.76
CA VAL B 255 -2.25 -5.06 -26.13
C VAL B 255 -3.22 -5.77 -25.17
N GLY B 256 -4.26 -6.35 -25.70
CA GLY B 256 -5.23 -6.99 -24.85
C GLY B 256 -6.14 -7.91 -25.62
N PRO B 257 -6.82 -8.81 -24.90
CA PRO B 257 -7.66 -9.81 -25.58
C PRO B 257 -8.95 -9.27 -26.14
N THR B 258 -9.50 -8.17 -25.61
CA THR B 258 -10.81 -7.69 -26.07
C THR B 258 -10.74 -6.59 -27.12
N LEU B 259 -9.54 -6.08 -27.44
CA LEU B 259 -9.41 -5.14 -28.55
C LEU B 259 -10.13 -5.67 -29.78
N THR B 260 -10.83 -4.79 -30.49
CA THR B 260 -11.59 -5.23 -31.66
C THR B 260 -10.85 -5.01 -32.98
N ASN B 261 -9.78 -4.23 -32.97
CA ASN B 261 -9.01 -3.92 -34.17
C ASN B 261 -7.55 -3.86 -33.77
N SER B 262 -6.66 -4.09 -34.73
CA SER B 262 -5.23 -3.95 -34.50
C SER B 262 -4.62 -3.07 -35.58
N ASN B 263 -3.53 -2.41 -35.23
CA ASN B 263 -2.71 -1.72 -36.23
C ASN B 263 -1.24 -1.90 -35.93
N TYR B 264 -0.89 -2.77 -34.98
CA TYR B 264 0.51 -2.94 -34.57
C TYR B 264 1.33 -3.54 -35.70
N ASN B 265 2.46 -2.88 -35.99
CA ASN B 265 3.48 -3.44 -36.86
C ASN B 265 4.83 -3.22 -36.20
N ALA B 266 5.58 -4.31 -36.01
CA ALA B 266 6.81 -4.24 -35.24
C ALA B 266 7.81 -3.27 -35.82
N GLU B 267 7.95 -3.27 -37.15
CA GLU B 267 8.92 -2.38 -37.79
C GLU B 267 8.38 -0.95 -37.85
N THR B 268 7.08 -0.79 -38.12
CA THR B 268 6.47 0.54 -38.02
C THR B 268 6.61 1.10 -36.61
N TYR B 269 6.35 0.29 -35.59
CA TYR B 269 6.50 0.78 -34.22
C TYR B 269 7.94 1.19 -33.94
N ALA B 270 8.91 0.37 -34.35
CA ALA B 270 10.31 0.68 -34.08
C ALA B 270 10.79 1.93 -34.80
N SER B 271 10.24 2.22 -35.98
CA SER B 271 10.64 3.44 -36.68
C SER B 271 10.32 4.71 -35.88
N TYR B 272 9.36 4.66 -34.95
CA TYR B 272 9.07 5.85 -34.14
C TYR B 272 10.23 6.23 -33.23
N PHE B 273 11.16 5.31 -33.01
CA PHE B 273 12.25 5.51 -32.07
C PHE B 273 13.62 5.34 -32.72
N SER B 274 13.69 5.27 -34.05
CA SER B 274 14.96 5.38 -34.75
C SER B 274 15.65 6.68 -34.37
N ALA B 275 16.97 6.72 -34.58
CA ALA B 275 17.72 7.95 -34.37
C ALA B 275 17.17 9.03 -35.30
N PRO B 276 17.18 10.29 -34.86
CA PRO B 276 17.74 10.75 -33.58
C PRO B 276 16.77 10.70 -32.37
N ASN B 277 15.67 9.96 -32.48
CA ASN B 277 14.62 9.94 -31.46
C ASN B 277 14.84 8.89 -30.38
N SER B 278 16.04 8.31 -30.29
CA SER B 278 16.22 7.05 -29.59
C SER B 278 16.10 7.18 -28.07
N TYR B 279 16.56 8.31 -27.52
CA TYR B 279 16.68 8.44 -26.07
C TYR B 279 15.79 9.53 -25.50
N LEU B 280 14.78 9.97 -26.25
CA LEU B 280 13.91 11.03 -25.79
C LEU B 280 13.10 10.57 -24.58
N THR B 281 12.75 11.54 -23.74
CA THR B 281 11.93 11.26 -22.56
C THR B 281 10.44 11.36 -22.83
N GLY B 282 10.04 11.98 -23.94
CA GLY B 282 8.63 12.27 -24.16
C GLY B 282 8.17 13.59 -23.55
N CYS B 283 9.06 14.28 -22.84
CA CYS B 283 8.81 15.61 -22.27
C CYS B 283 9.67 16.66 -22.96
N THR B 284 9.95 16.46 -24.24
CA THR B 284 10.97 17.21 -24.94
C THR B 284 10.47 17.47 -26.36
N GLU B 285 10.81 18.65 -26.89
CA GLU B 285 10.43 18.98 -28.26
C GLU B 285 11.10 18.01 -29.24
N GLU B 286 10.42 17.72 -30.33
CA GLU B 286 10.96 16.84 -31.36
C GLU B 286 12.35 17.30 -31.84
#